data_6PIX
#
_entry.id   6PIX
#
_cell.length_a   54.189
_cell.length_b   58.615
_cell.length_c   59.709
_cell.angle_alpha   90.00
_cell.angle_beta   90.00
_cell.angle_gamma   90.00
#
_symmetry.space_group_name_H-M   'P 21 21 21'
#
loop_
_entity.id
_entity.type
_entity.pdbx_description
1 polymer 'NS3/4A protease'
2 non-polymer 'ZINC ION'
3 non-polymer 'methyl (1-{[(2R,6S,12Z,13aS,14aR,16aS)-2-[(7-methoxy-3-methyl-5,8-dihydroquinoxalin-2-yl)oxy]-14a-{[(1-methylcyclopropyl)sulfonyl]carbamoyl}-5,16-dioxo-1,2,3,5,6,7,8,9,10,11,13a,14,14a,15,16,16a-hexadecahydrocyclopropa[e]pyrrolo[1,2-a][1,4]diazacyclopentadecin-6-yl]carbamoyl}cyclopentyl)carbamate'
4 non-polymer 1,2-ETHANEDIOL
5 non-polymer 'SULFATE ION'
6 water water
#
_entity_poly.entity_id   1
_entity_poly.type   'polypeptide(L)'
_entity_poly.pdbx_seq_one_letter_code
;MGSSHHHHHHSSGLVPRGSHMASMKKKGSVVIVGRINLSGDTAYAQQTRGEEGCQETSQTGRDKNQVEGEVQIVSTATQT
FLATSINGVLWTVYHGAGTRTIASPKGPVTQMYTNVDKDLVGWQAPQGSRSLTPCTCGSSDLYLVTRHADVIPVRRRGDS
RGSLLSPRPISYLKGSSGGPLLCPAGHAVGIFRAAVSTRGVAKAVAFIPVESLETTMRSP
;
_entity_poly.pdbx_strand_id   A
#
# COMPACT_ATOMS: atom_id res chain seq x y z
N HIS A 20 28.17 13.60 -14.04
CA HIS A 20 29.44 13.47 -13.30
C HIS A 20 29.20 13.04 -11.85
N MET A 21 30.17 12.35 -11.25
CA MET A 21 29.97 11.80 -9.91
C MET A 21 29.68 12.90 -8.89
N ALA A 22 30.27 14.07 -9.06
CA ALA A 22 29.97 15.16 -8.14
C ALA A 22 28.52 15.62 -8.29
N SER A 23 27.95 15.45 -9.49
CA SER A 23 26.62 15.93 -9.82
C SER A 23 25.52 14.96 -9.43
N MET A 24 25.87 13.70 -9.15
CA MET A 24 24.85 12.65 -9.10
C MET A 24 23.88 12.88 -7.95
N LYS A 25 22.60 12.74 -8.25
CA LYS A 25 21.57 12.96 -7.25
C LYS A 25 21.14 11.65 -6.62
N LYS A 26 20.39 11.79 -5.53
CA LYS A 26 19.85 10.68 -4.76
C LYS A 26 18.33 10.81 -4.79
N LYS A 27 17.63 9.70 -5.03
CA LYS A 27 16.19 9.73 -4.95
C LYS A 27 15.76 9.90 -3.51
N GLY A 28 14.61 10.52 -3.31
CA GLY A 28 14.13 10.76 -2.00
C GLY A 28 13.47 9.51 -1.43
N SER A 29 13.01 9.64 -0.19
CA SER A 29 12.31 8.56 0.46
C SER A 29 10.84 8.58 0.07
N VAL A 30 10.20 7.41 0.20
CA VAL A 30 8.75 7.37 0.30
C VAL A 30 8.34 8.06 1.58
N VAL A 31 7.21 8.79 1.50
CA VAL A 31 6.67 9.56 2.61
C VAL A 31 5.21 9.20 2.83
N ILE A 32 4.86 8.97 4.11
CA ILE A 32 3.44 8.83 4.48
C ILE A 32 2.80 10.21 4.44
N VAL A 33 1.74 10.35 3.65
CA VAL A 33 1.03 11.60 3.52
C VAL A 33 -0.42 11.53 4.00
N GLY A 34 -0.87 10.36 4.44
CA GLY A 34 -2.19 10.23 4.99
C GLY A 34 -2.49 8.79 5.31
N ARG A 35 -3.77 8.53 5.55
CA ARG A 35 -4.16 7.17 5.92
C ARG A 35 -5.61 6.95 5.51
N ILE A 36 -5.99 5.68 5.48
CA ILE A 36 -7.39 5.28 5.37
C ILE A 36 -7.88 4.89 6.75
N ASN A 37 -8.85 5.64 7.26
CA ASN A 37 -9.35 5.41 8.60
C ASN A 37 -10.43 4.35 8.51
N LEU A 38 -10.19 3.22 9.17
CA LEU A 38 -11.14 2.12 9.26
C LEU A 38 -11.56 1.89 10.72
N SER A 39 -11.32 2.89 11.57
CA SER A 39 -11.51 2.79 13.02
C SER A 39 -12.97 2.56 13.39
N GLY A 40 -13.88 3.28 12.76
CA GLY A 40 -15.27 3.30 13.20
C GLY A 40 -16.24 2.61 12.27
N ASP A 41 -17.41 3.22 12.06
CA ASP A 41 -18.42 2.65 11.19
C ASP A 41 -18.33 3.14 9.76
N THR A 42 -17.46 4.12 9.50
CA THR A 42 -17.38 4.80 8.21
C THR A 42 -15.92 4.89 7.81
N ALA A 43 -15.60 4.44 6.59
CA ALA A 43 -14.23 4.46 6.11
C ALA A 43 -14.00 5.80 5.41
N TYR A 44 -12.90 6.46 5.74
CA TYR A 44 -12.61 7.74 5.09
C TYR A 44 -11.11 7.99 5.08
N ALA A 45 -10.69 8.67 4.02
CA ALA A 45 -9.28 9.02 3.87
C ALA A 45 -8.99 10.28 4.67
N GLN A 46 -7.80 10.32 5.28
CA GLN A 46 -7.30 11.49 5.98
C GLN A 46 -5.94 11.86 5.38
N GLN A 47 -5.73 13.15 5.12
CA GLN A 47 -4.41 13.61 4.75
C GLN A 47 -3.72 14.10 6.03
N THR A 48 -2.45 13.73 6.18
CA THR A 48 -1.66 14.15 7.31
C THR A 48 -0.48 15.05 6.90
N ARG A 49 -0.17 15.17 5.62
CA ARG A 49 0.89 16.04 5.16
C ARG A 49 0.60 16.54 3.76
N GLY A 50 0.77 17.86 3.55
CA GLY A 50 0.60 18.43 2.24
C GLY A 50 1.83 18.29 1.36
N GLU A 51 1.68 18.72 0.10
CA GLU A 51 2.68 18.40 -0.91
C GLU A 51 4.02 19.04 -0.61
N GLU A 52 4.03 20.29 -0.12
CA GLU A 52 5.30 20.94 0.18
C GLU A 52 6.04 20.19 1.29
N GLY A 53 5.34 19.90 2.39
CA GLY A 53 5.98 19.13 3.46
C GLY A 53 6.37 17.74 3.00
N CYS A 54 5.58 17.15 2.10
CA CYS A 54 5.95 15.86 1.54
C CYS A 54 7.29 15.98 0.80
N GLN A 55 7.45 17.00 -0.06
CA GLN A 55 8.70 17.14 -0.80
C GLN A 55 9.89 17.27 0.14
N GLU A 56 9.74 18.07 1.20
CA GLU A 56 10.83 18.29 2.14
C GLU A 56 11.18 17.03 2.90
N THR A 57 10.16 16.27 3.34
CA THR A 57 10.39 15.04 4.08
C THR A 57 10.99 13.97 3.19
N SER A 58 10.65 13.97 1.91
CA SER A 58 11.25 12.98 1.00
C SER A 58 12.77 13.23 0.85
N GLN A 59 13.17 14.50 0.84
CA GLN A 59 14.57 14.87 0.69
C GLN A 59 15.37 14.55 1.95
N THR A 60 14.84 14.89 3.13
CA THR A 60 15.57 14.59 4.36
C THR A 60 15.39 13.16 4.83
N GLY A 61 14.27 12.53 4.51
CA GLY A 61 13.90 11.26 5.07
C GLY A 61 13.49 11.29 6.53
N ARG A 62 13.29 12.48 7.11
CA ARG A 62 12.99 12.64 8.51
C ARG A 62 11.53 13.05 8.64
N ASP A 63 10.71 12.14 9.13
CA ASP A 63 9.27 12.34 9.28
C ASP A 63 8.92 12.19 10.76
N LYS A 64 8.62 13.32 11.41
CA LYS A 64 8.22 13.30 12.81
C LYS A 64 6.72 13.21 13.03
N ASN A 65 5.92 13.09 11.99
CA ASN A 65 4.46 12.98 12.18
C ASN A 65 4.11 11.67 12.85
N GLN A 66 3.10 11.72 13.72
CA GLN A 66 2.52 10.54 14.31
C GLN A 66 1.86 9.69 13.23
N VAL A 67 2.10 8.38 13.29
CA VAL A 67 1.51 7.43 12.36
C VAL A 67 0.42 6.67 13.10
N GLU A 68 -0.69 6.43 12.44
CA GLU A 68 -1.75 5.60 13.00
C GLU A 68 -2.33 4.72 11.92
N GLY A 69 -2.96 3.62 12.33
CA GLY A 69 -3.78 2.85 11.39
C GLY A 69 -2.99 1.85 10.57
N GLU A 70 -3.75 1.13 9.74
CA GLU A 70 -3.25 -0.03 8.99
C GLU A 70 -2.86 0.30 7.55
N VAL A 71 -3.65 1.12 6.88
CA VAL A 71 -3.42 1.50 5.47
C VAL A 71 -2.96 2.94 5.45
N GLN A 72 -1.75 3.15 4.97
CA GLN A 72 -1.18 4.45 4.79
C GLN A 72 -1.27 4.85 3.33
N ILE A 73 -1.46 6.15 3.11
CA ILE A 73 -1.28 6.74 1.79
C ILE A 73 0.16 7.25 1.73
N VAL A 74 0.88 6.90 0.68
CA VAL A 74 2.29 7.24 0.59
C VAL A 74 2.56 7.93 -0.73
N SER A 75 3.65 8.70 -0.76
CA SER A 75 3.99 9.43 -1.97
C SER A 75 5.51 9.51 -2.14
N THR A 76 5.93 9.57 -3.38
CA THR A 76 7.25 10.02 -3.76
C THR A 76 7.12 11.39 -4.42
N ALA A 77 8.23 11.84 -5.05
CA ALA A 77 8.16 13.10 -5.77
C ALA A 77 7.22 13.01 -6.97
N THR A 78 7.01 11.81 -7.51
CA THR A 78 6.34 11.63 -8.77
C THR A 78 5.12 10.71 -8.72
N GLN A 79 4.93 9.95 -7.64
N GLN A 79 4.94 9.93 -7.66
CA GLN A 79 3.86 8.97 -7.60
CA GLN A 79 3.85 8.98 -7.61
C GLN A 79 3.21 8.96 -6.23
C GLN A 79 3.21 8.98 -6.23
N THR A 80 1.96 8.53 -6.19
CA THR A 80 1.27 8.33 -4.94
C THR A 80 0.50 7.01 -5.01
N PHE A 81 0.44 6.31 -3.88
CA PHE A 81 -0.13 4.97 -3.83
C PHE A 81 -0.35 4.65 -2.35
N LEU A 82 -0.55 3.38 -2.02
CA LEU A 82 -0.88 2.97 -0.66
C LEU A 82 0.19 2.03 -0.11
N ALA A 83 0.20 1.90 1.21
CA ALA A 83 1.05 0.91 1.91
C ALA A 83 0.26 0.37 3.08
N THR A 84 0.37 -0.93 3.34
CA THR A 84 -0.45 -1.64 4.30
C THR A 84 0.41 -2.43 5.28
N SER A 85 0.14 -2.24 6.58
CA SER A 85 0.86 -2.98 7.61
C SER A 85 0.21 -4.34 7.83
N ILE A 86 1.01 -5.39 7.69
CA ILE A 86 0.58 -6.75 8.01
C ILE A 86 1.72 -7.41 8.78
N ASN A 87 1.41 -7.92 9.97
N ASN A 87 1.42 -7.90 9.98
CA ASN A 87 2.39 -8.59 10.83
CA ASN A 87 2.39 -8.62 10.80
C ASN A 87 3.68 -7.80 11.00
C ASN A 87 3.67 -7.82 11.04
N GLY A 88 3.53 -6.52 11.29
CA GLY A 88 4.71 -5.72 11.65
C GLY A 88 5.56 -5.26 10.48
N VAL A 89 5.08 -5.43 9.25
CA VAL A 89 5.76 -4.97 8.04
C VAL A 89 4.81 -4.05 7.28
N LEU A 90 5.30 -2.87 6.89
CA LEU A 90 4.58 -1.99 5.98
C LEU A 90 4.93 -2.38 4.54
N TRP A 91 3.93 -2.93 3.85
CA TRP A 91 4.09 -3.53 2.54
C TRP A 91 3.57 -2.59 1.46
N THR A 92 4.24 -2.56 0.30
CA THR A 92 3.70 -1.84 -0.86
C THR A 92 4.24 -2.49 -2.12
N VAL A 93 3.99 -1.83 -3.27
CA VAL A 93 4.40 -2.34 -4.58
C VAL A 93 5.75 -1.77 -5.01
N TYR A 94 6.55 -2.63 -5.62
CA TYR A 94 7.82 -2.20 -6.20
C TYR A 94 7.63 -1.14 -7.29
N HIS A 95 6.57 -1.26 -8.09
CA HIS A 95 6.39 -0.28 -9.17
C HIS A 95 6.08 1.11 -8.63
N GLY A 96 5.73 1.23 -7.34
CA GLY A 96 5.57 2.52 -6.71
C GLY A 96 6.83 2.97 -6.01
N ALA A 97 7.38 2.10 -5.18
CA ALA A 97 8.45 2.45 -4.28
C ALA A 97 9.83 2.24 -4.86
N GLY A 98 9.96 1.38 -5.86
CA GLY A 98 11.28 0.90 -6.25
C GLY A 98 12.03 0.40 -5.04
N THR A 99 13.33 0.73 -4.97
CA THR A 99 14.20 0.36 -3.87
C THR A 99 14.33 1.49 -2.82
N ARG A 100 13.41 2.46 -2.82
N ARG A 100 13.40 2.45 -2.82
CA ARG A 100 13.55 3.62 -1.98
CA ARG A 100 13.54 3.62 -1.98
C ARG A 100 13.42 3.30 -0.49
C ARG A 100 13.43 3.28 -0.49
N THR A 101 14.10 4.09 0.32
CA THR A 101 13.87 4.14 1.74
C THR A 101 12.52 4.80 2.03
N ILE A 102 12.05 4.65 3.25
CA ILE A 102 10.86 5.37 3.73
C ILE A 102 11.30 6.33 4.81
N ALA A 103 10.67 7.50 4.85
CA ALA A 103 10.99 8.48 5.86
C ALA A 103 10.48 8.03 7.23
N SER A 104 11.22 8.38 8.28
CA SER A 104 10.86 7.99 9.64
C SER A 104 11.39 9.05 10.61
N PRO A 105 10.96 8.99 11.88
CA PRO A 105 11.40 10.04 12.82
C PRO A 105 12.91 10.15 12.95
N LYS A 106 13.63 9.04 12.75
CA LYS A 106 15.08 9.02 12.90
C LYS A 106 15.81 8.99 11.57
N GLY A 107 15.12 9.27 10.46
CA GLY A 107 15.77 9.29 9.17
C GLY A 107 15.31 8.16 8.27
N PRO A 108 15.91 8.07 7.10
CA PRO A 108 15.49 7.07 6.10
C PRO A 108 15.67 5.66 6.62
N VAL A 109 14.69 4.82 6.34
CA VAL A 109 14.68 3.41 6.72
C VAL A 109 14.78 2.57 5.46
N THR A 110 15.80 1.70 5.40
CA THR A 110 16.00 0.82 4.25
C THR A 110 14.99 -0.34 4.23
N GLN A 111 14.59 -0.72 3.03
CA GLN A 111 13.68 -1.86 2.85
C GLN A 111 14.19 -3.10 3.54
N MET A 112 13.24 -3.84 4.13
CA MET A 112 13.49 -5.11 4.76
C MET A 112 13.20 -6.25 3.81
N TYR A 113 12.33 -6.01 2.83
CA TYR A 113 11.98 -6.97 1.81
C TYR A 113 11.92 -6.24 0.48
N THR A 114 12.43 -6.88 -0.56
CA THR A 114 12.31 -6.38 -1.94
C THR A 114 12.17 -7.57 -2.86
N ASN A 115 11.10 -7.63 -3.64
CA ASN A 115 10.92 -8.72 -4.62
C ASN A 115 10.23 -8.21 -5.88
N VAL A 116 11.06 -7.80 -6.83
CA VAL A 116 10.60 -7.29 -8.12
C VAL A 116 9.75 -8.32 -8.83
N ASP A 117 10.04 -9.62 -8.62
CA ASP A 117 9.28 -10.67 -9.28
C ASP A 117 7.83 -10.74 -8.79
N LYS A 118 7.58 -10.33 -7.57
CA LYS A 118 6.22 -10.23 -7.03
C LYS A 118 5.65 -8.80 -7.05
N ASP A 119 6.42 -7.82 -7.48
CA ASP A 119 6.07 -6.40 -7.41
C ASP A 119 5.88 -5.96 -5.96
N LEU A 120 6.77 -6.43 -5.09
CA LEU A 120 6.58 -6.31 -3.64
C LEU A 120 7.80 -5.68 -2.96
N VAL A 121 7.53 -4.75 -2.04
CA VAL A 121 8.56 -4.32 -1.11
C VAL A 121 7.93 -4.21 0.28
N GLY A 122 8.79 -4.16 1.28
CA GLY A 122 8.32 -3.93 2.64
C GLY A 122 9.39 -3.28 3.49
N TRP A 123 8.94 -2.48 4.44
CA TRP A 123 9.76 -1.89 5.49
C TRP A 123 9.18 -2.28 6.85
N GLN A 124 10.00 -2.18 7.89
CA GLN A 124 9.48 -2.31 9.24
C GLN A 124 8.30 -1.38 9.43
N ALA A 125 7.24 -1.88 10.09
CA ALA A 125 6.06 -1.05 10.24
C ALA A 125 6.37 0.11 11.17
N PRO A 126 5.91 1.32 10.84
CA PRO A 126 6.26 2.49 11.67
C PRO A 126 5.62 2.41 13.04
N GLN A 127 6.34 2.97 14.00
CA GLN A 127 5.81 3.04 15.35
C GLN A 127 4.50 3.81 15.34
N GLY A 128 3.49 3.26 15.99
CA GLY A 128 2.16 3.84 16.02
C GLY A 128 1.20 3.23 15.01
N SER A 129 1.70 2.58 13.98
CA SER A 129 0.84 1.87 13.05
C SER A 129 0.17 0.68 13.75
N ARG A 130 -0.93 0.22 13.17
CA ARG A 130 -1.60 -1.00 13.57
C ARG A 130 -1.44 -1.99 12.42
N SER A 131 -1.18 -3.26 12.74
CA SER A 131 -0.99 -4.25 11.70
C SER A 131 -2.25 -5.08 11.51
N LEU A 132 -2.55 -5.39 10.26
CA LEU A 132 -3.55 -6.41 9.99
C LEU A 132 -2.98 -7.80 10.27
N THR A 133 -3.87 -8.72 10.57
CA THR A 133 -3.57 -10.14 10.79
C THR A 133 -3.73 -10.92 9.48
N PRO A 134 -2.78 -11.78 9.12
CA PRO A 134 -2.95 -12.60 7.93
C PRO A 134 -4.17 -13.51 8.02
N CYS A 135 -4.92 -13.54 6.94
CA CYS A 135 -6.14 -14.34 6.85
C CYS A 135 -5.81 -15.81 6.81
N THR A 136 -6.51 -16.60 7.65
CA THR A 136 -6.47 -18.04 7.53
C THR A 136 -7.86 -18.62 7.27
N CYS A 137 -8.83 -17.77 6.85
CA CYS A 137 -10.22 -18.20 6.69
C CYS A 137 -10.41 -19.07 5.46
N GLY A 138 -9.60 -18.89 4.42
CA GLY A 138 -9.86 -19.53 3.14
C GLY A 138 -11.13 -19.05 2.47
N SER A 139 -11.59 -17.85 2.80
CA SER A 139 -12.78 -17.29 2.19
C SER A 139 -12.43 -16.63 0.85
N SER A 140 -13.39 -16.67 -0.09
CA SER A 140 -13.23 -16.04 -1.40
C SER A 140 -14.07 -14.76 -1.55
N ASP A 141 -14.72 -14.32 -0.49
CA ASP A 141 -15.48 -13.08 -0.49
C ASP A 141 -14.61 -12.00 0.14
N LEU A 142 -14.00 -11.19 -0.71
CA LEU A 142 -13.00 -10.21 -0.32
C LEU A 142 -13.51 -8.79 -0.51
N TYR A 143 -12.74 -7.87 0.08
CA TYR A 143 -13.04 -6.45 0.06
C TYR A 143 -11.75 -5.68 -0.19
N LEU A 144 -11.72 -4.92 -1.28
CA LEU A 144 -10.59 -4.07 -1.62
C LEU A 144 -10.82 -2.65 -1.08
N VAL A 145 -9.83 -2.11 -0.38
CA VAL A 145 -9.89 -0.76 0.20
C VAL A 145 -9.03 0.13 -0.68
N THR A 146 -9.61 1.21 -1.20
CA THR A 146 -8.92 2.13 -2.08
C THR A 146 -8.43 3.39 -1.34
N ARG A 147 -7.61 4.19 -2.07
CA ARG A 147 -7.07 5.41 -1.50
C ARG A 147 -8.17 6.43 -1.21
N HIS A 148 -9.34 6.26 -1.80
CA HIS A 148 -10.50 7.11 -1.55
C HIS A 148 -11.40 6.52 -0.50
N ALA A 149 -10.93 5.50 0.21
CA ALA A 149 -11.67 4.79 1.24
C ALA A 149 -12.95 4.13 0.72
N ASP A 150 -12.98 3.82 -0.56
CA ASP A 150 -14.02 2.91 -1.07
C ASP A 150 -13.70 1.50 -0.61
N VAL A 151 -14.74 0.76 -0.20
CA VAL A 151 -14.60 -0.64 0.19
C VAL A 151 -15.32 -1.44 -0.89
N ILE A 152 -14.55 -2.07 -1.77
CA ILE A 152 -15.05 -2.61 -3.03
C ILE A 152 -15.12 -4.14 -2.90
N PRO A 153 -16.30 -4.74 -2.97
CA PRO A 153 -16.38 -6.22 -2.97
C PRO A 153 -15.73 -6.82 -4.19
N VAL A 154 -14.95 -7.86 -3.95
CA VAL A 154 -14.15 -8.60 -4.92
C VAL A 154 -14.31 -10.08 -4.62
N ARG A 155 -14.70 -10.86 -5.64
CA ARG A 155 -14.74 -12.32 -5.51
C ARG A 155 -13.37 -12.88 -5.88
N ARG A 156 -12.78 -13.64 -4.97
CA ARG A 156 -11.49 -14.24 -5.28
C ARG A 156 -11.66 -15.25 -6.42
N ARG A 157 -10.76 -15.19 -7.41
CA ARG A 157 -10.83 -16.03 -8.61
C ARG A 157 -9.59 -16.90 -8.80
N GLY A 158 -8.57 -16.72 -7.99
CA GLY A 158 -7.36 -17.52 -8.06
C GLY A 158 -6.45 -17.13 -6.91
N ASP A 159 -5.25 -17.69 -6.94
CA ASP A 159 -4.28 -17.36 -5.91
C ASP A 159 -3.99 -15.85 -5.88
N SER A 160 -3.99 -15.19 -7.03
CA SER A 160 -3.57 -13.79 -7.08
C SER A 160 -4.53 -12.90 -7.87
N ARG A 161 -5.79 -13.33 -8.05
CA ARG A 161 -6.76 -12.65 -8.89
C ARG A 161 -8.12 -12.61 -8.20
N GLY A 162 -8.86 -11.52 -8.45
CA GLY A 162 -10.26 -11.44 -8.02
C GLY A 162 -11.04 -10.58 -8.99
N SER A 163 -12.36 -10.78 -9.05
CA SER A 163 -13.24 -10.02 -9.93
C SER A 163 -14.02 -9.01 -9.11
N LEU A 164 -14.12 -7.79 -9.64
CA LEU A 164 -14.99 -6.80 -9.03
C LEU A 164 -16.45 -7.19 -9.20
N LEU A 165 -17.22 -7.09 -8.12
CA LEU A 165 -18.64 -7.41 -8.24
C LEU A 165 -19.37 -6.32 -9.01
N SER A 166 -18.88 -5.09 -8.90
CA SER A 166 -19.38 -3.95 -9.66
C SER A 166 -18.17 -3.34 -10.36
N PRO A 167 -17.92 -3.70 -11.61
CA PRO A 167 -16.83 -3.07 -12.36
C PRO A 167 -16.97 -1.56 -12.44
N ARG A 168 -15.83 -0.89 -12.64
CA ARG A 168 -15.85 0.55 -12.77
C ARG A 168 -14.58 0.99 -13.48
N PRO A 169 -14.57 2.21 -14.02
CA PRO A 169 -13.37 2.66 -14.77
C PRO A 169 -12.11 2.49 -13.94
N ILE A 170 -10.99 2.22 -14.63
CA ILE A 170 -9.73 2.00 -13.93
C ILE A 170 -9.28 3.25 -13.20
N SER A 171 -9.75 4.42 -13.64
CA SER A 171 -9.48 5.66 -12.92
C SER A 171 -9.75 5.57 -11.43
N TYR A 172 -10.76 4.78 -11.04
CA TYR A 172 -11.15 4.72 -9.64
C TYR A 172 -10.21 3.89 -8.80
N LEU A 173 -9.43 3.03 -9.46
CA LEU A 173 -8.45 2.17 -8.80
C LEU A 173 -7.04 2.73 -8.86
N LYS A 174 -6.75 3.65 -9.79
CA LYS A 174 -5.42 4.21 -9.92
C LYS A 174 -5.02 4.88 -8.61
N GLY A 175 -3.79 4.59 -8.16
CA GLY A 175 -3.29 5.11 -6.92
C GLY A 175 -3.62 4.28 -5.70
N SER A 176 -4.23 3.11 -5.88
CA SER A 176 -4.52 2.25 -4.75
C SER A 176 -3.65 0.98 -4.69
N SER A 177 -2.71 0.80 -5.61
CA SER A 177 -1.73 -0.27 -5.44
C SER A 177 -1.07 -0.14 -4.07
N GLY A 178 -0.79 -1.27 -3.45
CA GLY A 178 -0.33 -1.30 -2.08
C GLY A 178 -1.45 -1.41 -1.06
N GLY A 179 -2.68 -1.19 -1.45
CA GLY A 179 -3.81 -1.33 -0.54
C GLY A 179 -4.16 -2.80 -0.31
N PRO A 180 -4.98 -3.05 0.71
CA PRO A 180 -5.33 -4.42 1.06
C PRO A 180 -6.59 -4.95 0.39
N LEU A 181 -6.57 -6.26 0.18
CA LEU A 181 -7.77 -7.06 0.07
C LEU A 181 -7.98 -7.76 1.40
N LEU A 182 -9.18 -7.60 1.97
CA LEU A 182 -9.54 -8.12 3.27
C LEU A 182 -10.61 -9.20 3.15
N CYS A 183 -10.64 -10.12 4.10
CA CYS A 183 -11.69 -11.14 4.20
C CYS A 183 -12.86 -10.58 4.97
N PRO A 184 -13.97 -11.31 5.04
CA PRO A 184 -15.12 -10.78 5.80
C PRO A 184 -14.76 -10.42 7.21
N ALA A 185 -13.79 -11.10 7.80
CA ALA A 185 -13.41 -10.88 9.19
C ALA A 185 -12.34 -9.79 9.34
N GLY A 186 -12.00 -9.10 8.26
CA GLY A 186 -11.07 -7.98 8.35
C GLY A 186 -9.62 -8.38 8.38
N HIS A 187 -9.30 -9.63 8.03
CA HIS A 187 -7.91 -10.06 7.93
C HIS A 187 -7.35 -9.75 6.55
N ALA A 188 -6.00 -9.69 6.47
CA ALA A 188 -5.34 -9.40 5.19
C ALA A 188 -5.27 -10.67 4.35
N VAL A 189 -5.80 -10.57 3.14
CA VAL A 189 -5.72 -11.64 2.15
C VAL A 189 -4.67 -11.33 1.08
N GLY A 190 -4.39 -10.05 0.81
CA GLY A 190 -3.36 -9.75 -0.17
C GLY A 190 -3.16 -8.25 -0.32
N ILE A 191 -2.19 -7.92 -1.18
CA ILE A 191 -1.83 -6.54 -1.48
C ILE A 191 -2.14 -6.28 -2.97
N PHE A 192 -3.00 -5.32 -3.23
CA PHE A 192 -3.40 -4.92 -4.58
C PHE A 192 -2.19 -4.50 -5.40
N ARG A 193 -2.02 -5.11 -6.59
CA ARG A 193 -0.89 -4.92 -7.46
C ARG A 193 -1.26 -4.36 -8.83
N ALA A 194 -2.31 -4.87 -9.45
CA ALA A 194 -2.59 -4.49 -10.83
C ALA A 194 -4.06 -4.71 -11.14
N ALA A 195 -4.52 -4.01 -12.16
CA ALA A 195 -5.90 -4.15 -12.63
C ALA A 195 -5.94 -4.64 -14.07
N VAL A 196 -6.94 -5.47 -14.35
CA VAL A 196 -7.27 -5.89 -15.70
C VAL A 196 -8.28 -4.91 -16.26
N SER A 197 -7.91 -4.24 -17.35
CA SER A 197 -8.73 -3.21 -17.97
C SER A 197 -9.30 -3.72 -19.29
N THR A 198 -10.59 -3.65 -19.44
CA THR A 198 -11.26 -3.92 -20.69
C THR A 198 -11.89 -2.62 -21.15
N ARG A 199 -11.34 -2.02 -22.18
CA ARG A 199 -11.85 -0.73 -22.68
C ARG A 199 -11.99 0.25 -21.53
N GLY A 200 -10.94 0.32 -20.70
CA GLY A 200 -10.89 1.22 -19.57
C GLY A 200 -11.72 0.82 -18.36
N VAL A 201 -12.44 -0.30 -18.39
CA VAL A 201 -13.22 -0.75 -17.25
C VAL A 201 -12.43 -1.83 -16.50
N ALA A 202 -12.29 -1.66 -15.19
CA ALA A 202 -11.66 -2.67 -14.35
C ALA A 202 -12.70 -3.75 -14.05
N LYS A 203 -12.50 -4.94 -14.61
CA LYS A 203 -13.31 -6.10 -14.27
C LYS A 203 -12.66 -6.97 -13.21
N ALA A 204 -11.34 -6.97 -13.12
CA ALA A 204 -10.63 -7.89 -12.25
C ALA A 204 -9.38 -7.20 -11.72
N VAL A 205 -8.85 -7.73 -10.62
CA VAL A 205 -7.67 -7.20 -9.99
C VAL A 205 -6.72 -8.36 -9.74
N ALA A 206 -5.44 -8.02 -9.61
CA ALA A 206 -4.39 -8.95 -9.22
C ALA A 206 -3.76 -8.42 -7.95
N PHE A 207 -3.28 -9.33 -7.11
CA PHE A 207 -2.76 -8.96 -5.81
C PHE A 207 -1.71 -9.97 -5.39
N ILE A 208 -0.84 -9.53 -4.49
CA ILE A 208 0.18 -10.41 -3.90
C ILE A 208 -0.55 -11.12 -2.77
N PRO A 209 -0.71 -12.44 -2.79
CA PRO A 209 -1.41 -13.10 -1.68
C PRO A 209 -0.60 -13.03 -0.41
N VAL A 210 -1.31 -13.00 0.72
CA VAL A 210 -0.62 -12.87 2.01
C VAL A 210 0.32 -14.05 2.25
N GLU A 211 0.00 -15.21 1.71
CA GLU A 211 0.93 -16.35 1.88
C GLU A 211 2.26 -16.09 1.21
N SER A 212 2.25 -15.32 0.12
CA SER A 212 3.47 -14.97 -0.56
C SER A 212 4.26 -13.94 0.24
N LEU A 213 3.58 -13.07 1.01
CA LEU A 213 4.26 -12.28 2.01
C LEU A 213 4.76 -13.18 3.16
N GLU A 214 3.92 -14.13 3.60
CA GLU A 214 4.29 -14.95 4.75
C GLU A 214 5.48 -15.84 4.41
N THR A 215 5.60 -16.26 3.15
CA THR A 215 6.80 -16.95 2.70
C THR A 215 8.01 -16.05 2.76
N THR A 216 7.89 -14.85 2.18
CA THR A 216 9.01 -13.93 2.10
C THR A 216 9.58 -13.64 3.47
N MET A 217 8.74 -13.65 4.52
CA MET A 217 9.20 -13.29 5.85
C MET A 217 9.92 -14.42 6.59
#